data_7QSU
#
_entry.id   7QSU
#
_cell.length_a   69.570
_cell.length_b   43.960
_cell.length_c   72.120
_cell.angle_alpha   90.000
_cell.angle_beta   104.620
_cell.angle_gamma   90.000
#
_symmetry.space_group_name_H-M   'P 1 21 1'
#
loop_
_entity.id
_entity.type
_entity.pdbx_description
1 polymer V-ATPase
2 non-polymer '4-(2-HYDROXYETHYL)-1-PIPERAZINE ETHANESULFONIC ACID'
3 non-polymer (4S)-2-METHYL-2,4-PENTANEDIOL
4 water water
#
_entity_poly.entity_id   1
_entity_poly.type   'polypeptide(L)'
_entity_poly.pdbx_seq_one_letter_code
;SGKAVDGNTLVLTEEFGLVKIKELYEKLDGKGRKTVEGNEEWTELETPVTVYGYRNGRIVGIKATHIYKGISSGMIEIRT
RTGRKIKVTPIHKLFTGRVTKDGLALEEVMAMHIKPGDRIAVVKKIDGGEYVKLTTSPDFRKSRKIKVPEVLDEDLAEFL
GYLIADGTLKPRTVAIYNNDESLLKRANFLSTKLFGINGKIVQERTVKALLIHSKPLVDFFRKLGIPESKKARNWKVPRE
LLLSPPSVVKAFINAYIVCDGYYHERKGEIEITTASEEGAYGLSYLLAKLGIYATFRKKQIKGKEYYRIAISGKTNLEKL
GIKRETRGYTNIDIVILFDEVVEVKYIPEPQEVYDITTETHNFVGGNMPTLLHN
;
_entity_poly.pdbx_strand_id   A
#
# COMPACT_ATOMS: atom_id res chain seq x y z
N GLY A 2 22.29 14.18 -8.33
CA GLY A 2 21.38 14.85 -7.42
C GLY A 2 20.80 13.93 -6.36
N LYS A 3 19.85 14.46 -5.58
CA LYS A 3 19.13 13.66 -4.59
C LYS A 3 17.90 13.06 -5.27
N ALA A 4 17.87 11.73 -5.33
CA ALA A 4 16.88 11.03 -6.14
C ALA A 4 16.77 9.59 -5.66
N VAL A 5 15.87 8.83 -6.29
CA VAL A 5 15.56 7.47 -5.86
C VAL A 5 15.55 6.53 -7.06
N ASP A 6 15.66 5.24 -6.75
CA ASP A 6 15.55 4.21 -7.77
C ASP A 6 14.16 4.20 -8.39
N GLY A 7 14.11 3.80 -9.68
CA GLY A 7 12.85 3.84 -10.41
C GLY A 7 11.78 2.90 -9.89
N ASN A 8 12.17 1.83 -9.20
CA ASN A 8 11.19 0.89 -8.65
C ASN A 8 10.61 1.36 -7.32
N THR A 9 11.08 2.49 -6.78
CA THR A 9 10.53 3.04 -5.53
C THR A 9 9.03 3.34 -5.70
N LEU A 10 8.21 2.74 -4.86
CA LEU A 10 6.78 3.05 -4.95
C LEU A 10 6.52 4.45 -4.36
N VAL A 11 5.51 5.12 -4.90
CA VAL A 11 5.08 6.43 -4.41
C VAL A 11 3.57 6.39 -4.27
N LEU A 12 3.06 6.90 -3.15
CA LEU A 12 1.61 6.95 -2.98
C LEU A 12 1.08 8.21 -3.65
N THR A 13 0.17 8.04 -4.62
CA THR A 13 -0.48 9.17 -5.29
C THR A 13 -1.99 9.02 -5.17
N GLU A 14 -2.70 10.15 -5.19
CA GLU A 14 -4.16 10.06 -5.21
C GLU A 14 -4.64 9.54 -6.57
N GLU A 15 -4.08 10.08 -7.66
CA GLU A 15 -4.60 9.85 -9.01
C GLU A 15 -4.33 8.43 -9.51
N PHE A 16 -3.18 7.87 -9.15
CA PHE A 16 -2.76 6.58 -9.66
C PHE A 16 -2.61 5.52 -8.58
N GLY A 17 -2.94 5.82 -7.34
CA GLY A 17 -2.65 4.85 -6.31
C GLY A 17 -1.16 4.72 -6.02
N LEU A 18 -0.77 3.53 -5.61
CA LEU A 18 0.61 3.23 -5.25
C LEU A 18 1.33 2.75 -6.51
N VAL A 19 2.24 3.57 -7.05
CA VAL A 19 2.81 3.32 -8.36
C VAL A 19 4.32 3.50 -8.26
N LYS A 20 5.06 2.74 -9.08
CA LYS A 20 6.50 2.96 -9.16
C LYS A 20 6.78 4.35 -9.71
N ILE A 21 7.81 5.00 -9.16
CA ILE A 21 8.09 6.38 -9.59
C ILE A 21 8.49 6.43 -11.06
N LYS A 22 9.14 5.38 -11.58
CA LYS A 22 9.46 5.38 -13.01
C LYS A 22 8.20 5.36 -13.86
N GLU A 23 7.16 4.68 -13.40
CA GLU A 23 5.92 4.62 -14.17
C GLU A 23 5.10 5.89 -14.04
N LEU A 24 5.09 6.48 -12.85
CA LEU A 24 4.57 7.83 -12.69
C LEU A 24 5.28 8.81 -13.62
N TYR A 25 6.61 8.74 -13.69
CA TYR A 25 7.37 9.62 -14.58
C TYR A 25 6.94 9.43 -16.03
N GLU A 26 6.90 8.19 -16.49
CA GLU A 26 6.53 7.92 -17.88
C GLU A 26 5.11 8.38 -18.18
N LYS A 27 4.19 8.23 -17.22
CA LYS A 27 2.81 8.66 -17.44
C LYS A 27 2.71 10.18 -17.58
N LEU A 28 3.54 10.94 -16.85
CA LEU A 28 3.40 12.39 -16.78
C LEU A 28 4.47 13.13 -17.57
N ASP A 29 5.46 12.42 -18.10
CA ASP A 29 6.54 13.02 -18.89
C ASP A 29 5.99 13.90 -20.00
N GLY A 30 6.32 15.19 -19.95
CA GLY A 30 5.92 16.10 -21.00
C GLY A 30 4.56 16.76 -20.83
N LYS A 31 3.84 16.45 -19.76
CA LYS A 31 2.52 17.04 -19.53
C LYS A 31 2.68 18.34 -18.75
N GLY A 32 3.26 19.33 -19.44
CA GLY A 32 3.67 20.58 -18.84
C GLY A 32 4.92 21.08 -19.53
N ARG A 33 5.64 21.99 -18.86
CA ARG A 33 6.84 22.58 -19.45
C ARG A 33 8.02 21.66 -19.19
N LYS A 34 8.59 21.09 -20.26
CA LYS A 34 9.67 20.12 -20.11
C LYS A 34 11.01 20.78 -20.42
N THR A 35 12.03 20.40 -19.66
CA THR A 35 13.38 20.86 -19.89
C THR A 35 14.33 19.68 -19.88
N VAL A 36 15.22 19.65 -20.85
CA VAL A 36 16.26 18.64 -20.96
C VAL A 36 17.60 19.36 -20.90
N GLU A 37 18.45 18.98 -19.96
CA GLU A 37 19.76 19.58 -19.78
C GLU A 37 20.77 18.46 -19.56
N GLY A 38 21.44 18.06 -20.64
CA GLY A 38 22.44 17.02 -20.53
C GLY A 38 21.79 15.70 -20.20
N ASN A 39 22.29 15.05 -19.15
CA ASN A 39 21.74 13.78 -18.70
C ASN A 39 20.51 13.94 -17.82
N GLU A 40 20.04 15.17 -17.60
CA GLU A 40 18.91 15.42 -16.72
C GLU A 40 17.71 15.90 -17.53
N GLU A 41 16.52 15.63 -17.01
CA GLU A 41 15.31 16.20 -17.60
C GLU A 41 14.23 16.30 -16.53
N TRP A 42 13.28 17.21 -16.77
CA TRP A 42 12.19 17.38 -15.83
C TRP A 42 11.02 18.03 -16.54
N THR A 43 9.83 17.80 -16.00
CA THR A 43 8.62 18.48 -16.45
C THR A 43 8.04 19.23 -15.27
N GLU A 44 7.86 20.54 -15.44
CA GLU A 44 6.97 21.31 -14.58
C GLU A 44 5.54 20.99 -15.00
N LEU A 45 4.80 20.30 -14.13
CA LEU A 45 3.51 19.76 -14.53
C LEU A 45 2.49 20.87 -14.74
N GLU A 46 1.71 20.72 -15.82
CA GLU A 46 0.62 21.66 -16.08
C GLU A 46 -0.35 21.69 -14.90
N THR A 47 -0.66 20.53 -14.35
CA THR A 47 -1.44 20.39 -13.14
C THR A 47 -0.60 19.53 -12.19
N PRO A 48 -0.37 19.96 -10.96
CA PRO A 48 0.40 19.14 -10.03
C PRO A 48 -0.30 17.81 -9.75
N VAL A 49 0.48 16.84 -9.31
CA VAL A 49 -0.05 15.52 -8.95
C VAL A 49 -0.01 15.42 -7.44
N THR A 50 -1.07 14.92 -6.84
CA THR A 50 -1.13 14.89 -5.39
C THR A 50 -0.39 13.65 -4.88
N VAL A 51 0.60 13.87 -4.03
CA VAL A 51 1.30 12.80 -3.31
C VAL A 51 1.08 13.05 -1.82
N TYR A 52 1.83 12.37 -0.97
CA TYR A 52 1.63 12.52 0.46
C TYR A 52 2.92 12.98 1.10
N GLY A 53 2.81 13.87 2.08
CA GLY A 53 4.02 14.33 2.71
C GLY A 53 3.73 14.79 4.12
N TYR A 54 4.77 15.26 4.79
CA TYR A 54 4.70 15.63 6.20
C TYR A 54 4.51 17.14 6.29
N ARG A 55 3.42 17.55 6.95
CA ARG A 55 3.09 18.94 7.11
C ARG A 55 2.38 19.11 8.44
N ASN A 56 2.90 19.99 9.29
CA ASN A 56 2.30 20.31 10.58
C ASN A 56 2.00 19.06 11.41
N GLY A 57 2.97 18.16 11.46
CA GLY A 57 2.85 16.96 12.27
C GLY A 57 1.97 15.86 11.69
N ARG A 58 1.44 16.00 10.47
CA ARG A 58 0.60 14.96 9.87
C ARG A 58 1.14 14.56 8.50
N ILE A 59 0.78 13.36 8.06
CA ILE A 59 1.05 12.89 6.69
C ILE A 59 -0.23 13.09 5.91
N VAL A 60 -0.22 14.01 4.95
CA VAL A 60 -1.44 14.46 4.26
C VAL A 60 -1.15 14.64 2.77
N GLY A 61 -2.21 14.84 2.00
CA GLY A 61 -2.06 15.04 0.57
C GLY A 61 -1.41 16.39 0.31
N ILE A 62 -0.41 16.41 -0.56
CA ILE A 62 0.32 17.64 -0.88
C ILE A 62 0.60 17.62 -2.38
N LYS A 63 0.95 18.79 -2.91
CA LYS A 63 1.15 18.95 -4.34
C LYS A 63 2.59 18.64 -4.75
N ALA A 64 2.75 17.78 -5.76
CA ALA A 64 4.03 17.62 -6.44
C ALA A 64 3.97 18.38 -7.76
N THR A 65 4.91 19.30 -7.93
CA THR A 65 4.86 20.25 -9.04
C THR A 65 5.76 19.87 -10.22
N HIS A 66 6.77 19.03 -9.97
CA HIS A 66 7.77 18.67 -10.98
C HIS A 66 8.07 17.20 -10.86
N ILE A 67 8.38 16.58 -12.01
CA ILE A 67 8.91 15.22 -12.07
C ILE A 67 10.27 15.30 -12.73
N TYR A 68 11.20 14.46 -12.27
CA TYR A 68 12.61 14.60 -12.65
C TYR A 68 13.19 13.23 -12.95
N LYS A 69 14.03 13.17 -14.00
CA LYS A 69 14.77 11.96 -14.33
C LYS A 69 16.23 12.33 -14.54
N GLY A 70 17.13 11.55 -13.95
CA GLY A 70 18.54 11.81 -14.04
C GLY A 70 19.40 10.56 -14.00
N ILE A 71 20.70 10.75 -13.79
CA ILE A 71 21.66 9.66 -13.69
C ILE A 71 22.46 9.85 -12.41
N SER A 72 22.75 8.74 -11.73
CA SER A 72 23.61 8.77 -10.57
C SER A 72 24.71 7.74 -10.78
N SER A 73 25.92 8.05 -10.33
CA SER A 73 27.05 7.15 -10.52
C SER A 73 26.86 5.87 -9.71
N GLY A 74 26.44 5.99 -8.45
CA GLY A 74 26.15 4.84 -7.62
C GLY A 74 24.84 5.02 -6.88
N MET A 75 24.51 4.01 -6.06
CA MET A 75 23.32 4.04 -5.24
C MET A 75 23.62 3.43 -3.88
N ILE A 76 22.78 3.76 -2.90
CA ILE A 76 22.77 3.13 -1.58
C ILE A 76 21.44 2.43 -1.39
N GLU A 77 21.48 1.16 -1.01
CA GLU A 77 20.27 0.40 -0.70
C GLU A 77 20.25 0.14 0.80
N ILE A 78 19.14 0.51 1.44
CA ILE A 78 19.00 0.44 2.89
C ILE A 78 17.83 -0.48 3.21
N ARG A 79 18.07 -1.47 4.07
CA ARG A 79 17.02 -2.35 4.56
C ARG A 79 16.86 -2.19 6.07
N THR A 80 15.62 -2.14 6.55
CA THR A 80 15.29 -1.95 7.94
C THR A 80 14.68 -3.22 8.56
N ARG A 81 14.54 -3.17 9.89
CA ARG A 81 13.97 -4.29 10.63
C ARG A 81 12.54 -4.59 10.22
N THR A 82 11.74 -3.56 9.89
CA THR A 82 10.37 -3.85 9.49
C THR A 82 10.26 -4.50 8.11
N GLY A 83 11.36 -4.55 7.34
CA GLY A 83 11.30 -5.07 5.99
C GLY A 83 11.21 -4.00 4.90
N ARG A 84 11.32 -2.73 5.26
CA ARG A 84 11.46 -1.70 4.24
C ARG A 84 12.81 -1.84 3.53
N LYS A 85 12.81 -1.59 2.23
CA LYS A 85 14.05 -1.58 1.48
C LYS A 85 13.94 -0.45 0.48
N ILE A 86 14.79 0.56 0.61
CA ILE A 86 14.78 1.71 -0.28
C ILE A 86 16.15 1.82 -0.94
N LYS A 87 16.15 2.28 -2.19
CA LYS A 87 17.37 2.42 -2.97
C LYS A 87 17.43 3.85 -3.48
N VAL A 88 18.44 4.60 -3.05
CA VAL A 88 18.50 6.04 -3.23
C VAL A 88 19.91 6.45 -3.62
N THR A 89 20.05 7.66 -4.16
CA THR A 89 21.37 8.20 -4.46
C THR A 89 22.14 8.45 -3.17
N PRO A 90 23.48 8.44 -3.24
CA PRO A 90 24.28 8.54 -2.01
C PRO A 90 24.09 9.85 -1.26
N ILE A 91 23.73 10.94 -1.94
CA ILE A 91 23.50 12.21 -1.27
C ILE A 91 22.05 12.41 -0.84
N HIS A 92 21.15 11.48 -1.18
CA HIS A 92 19.77 11.53 -0.73
C HIS A 92 19.72 11.67 0.79
N LYS A 93 18.96 12.64 1.28
CA LYS A 93 18.93 12.90 2.72
C LYS A 93 17.85 12.07 3.38
N LEU A 94 18.22 11.36 4.43
CA LEU A 94 17.27 10.62 5.23
C LEU A 94 17.13 11.29 6.60
N PHE A 95 15.96 11.18 7.19
CA PHE A 95 15.74 11.68 8.54
C PHE A 95 15.94 10.53 9.51
N THR A 96 16.86 10.68 10.46
CA THR A 96 17.18 9.64 11.40
C THR A 96 16.75 10.06 12.80
N GLY A 97 16.62 9.06 13.67
CA GLY A 97 16.36 9.27 15.08
C GLY A 97 17.29 8.41 15.91
N ARG A 98 17.95 9.00 16.90
CA ARG A 98 18.88 8.29 17.76
C ARG A 98 18.36 8.32 19.19
N VAL A 99 18.38 7.16 19.84
CA VAL A 99 18.10 7.04 21.28
C VAL A 99 19.39 7.31 22.05
N THR A 100 19.43 8.40 22.81
CA THR A 100 20.64 8.86 23.48
C THR A 100 20.52 8.75 25.01
N LYS A 101 21.50 9.34 25.69
CA LYS A 101 21.46 9.47 27.14
C LYS A 101 20.19 10.18 27.59
N ASP A 102 19.96 11.38 27.06
CA ASP A 102 18.86 12.20 27.53
C ASP A 102 17.56 11.99 26.76
N GLY A 103 17.63 11.57 25.50
CA GLY A 103 16.40 11.34 24.77
C GLY A 103 16.55 10.98 23.31
N LEU A 104 15.71 11.55 22.45
CA LEU A 104 15.67 11.23 21.03
C LEU A 104 16.13 12.46 20.24
N ALA A 105 17.09 12.26 19.35
CA ALA A 105 17.65 13.30 18.52
C ALA A 105 17.33 13.03 17.05
N LEU A 106 16.82 14.04 16.37
CA LEU A 106 16.55 14.00 14.94
C LEU A 106 17.63 14.76 14.19
N GLU A 107 18.18 14.16 13.14
CA GLU A 107 19.03 14.90 12.20
C GLU A 107 18.88 14.28 10.83
N GLU A 108 19.20 15.06 9.80
CA GLU A 108 19.27 14.55 8.44
C GLU A 108 20.65 13.96 8.21
N VAL A 109 20.69 12.85 7.48
CA VAL A 109 21.95 12.15 7.20
C VAL A 109 21.91 11.66 5.77
N MET A 110 22.98 11.91 5.02
CA MET A 110 23.04 11.41 3.66
C MET A 110 23.04 9.89 3.65
N ALA A 111 22.26 9.31 2.76
CA ALA A 111 22.21 7.86 2.60
C ALA A 111 23.59 7.21 2.67
N MET A 112 24.61 7.81 2.05
CA MET A 112 25.93 7.20 2.05
C MET A 112 26.58 7.13 3.42
N HIS A 113 26.06 7.87 4.41
CA HIS A 113 26.61 7.85 5.76
C HIS A 113 25.79 6.97 6.72
N ILE A 114 24.68 6.41 6.24
CA ILE A 114 23.83 5.53 7.05
C ILE A 114 24.55 4.22 7.34
N LYS A 115 24.41 3.73 8.58
CA LYS A 115 24.99 2.46 8.99
C LYS A 115 23.94 1.59 9.66
N PRO A 116 24.09 0.27 9.65
CA PRO A 116 23.23 -0.58 10.49
C PRO A 116 23.23 -0.07 11.93
N GLY A 117 22.06 -0.07 12.55
CA GLY A 117 21.90 0.49 13.89
C GLY A 117 21.31 1.89 13.89
N ASP A 118 21.53 2.65 12.83
CA ASP A 118 20.80 3.90 12.63
C ASP A 118 19.31 3.60 12.49
N ARG A 119 18.48 4.63 12.69
CA ARG A 119 17.04 4.46 12.59
C ARG A 119 16.46 5.57 11.72
N ILE A 120 15.71 5.19 10.68
CA ILE A 120 15.22 6.19 9.73
C ILE A 120 13.72 6.41 9.92
N ALA A 121 13.25 7.57 9.47
CA ALA A 121 11.85 7.96 9.65
C ALA A 121 10.92 7.15 8.75
N VAL A 122 9.95 6.49 9.35
CA VAL A 122 8.94 5.78 8.59
C VAL A 122 7.56 6.24 9.04
N VAL A 123 6.57 5.97 8.18
CA VAL A 123 5.22 6.50 8.38
C VAL A 123 4.35 5.45 9.04
N LYS A 124 3.81 5.78 10.20
CA LYS A 124 2.87 4.94 10.92
C LYS A 124 1.42 5.25 10.55
N LYS A 125 1.10 6.51 10.24
CA LYS A 125 -0.28 6.94 10.01
C LYS A 125 -0.38 7.87 8.80
N ILE A 126 -1.24 7.54 7.85
CA ILE A 126 -1.53 8.39 6.70
C ILE A 126 -2.93 8.96 6.88
N ASP A 127 -3.06 10.29 6.88
CA ASP A 127 -4.35 10.96 6.99
C ASP A 127 -5.07 11.04 5.64
N GLY A 128 -6.36 11.32 5.70
CA GLY A 128 -7.16 11.59 4.52
C GLY A 128 -8.14 10.46 4.25
N GLY A 129 -8.83 10.60 3.14
CA GLY A 129 -9.78 9.58 2.76
C GLY A 129 -11.19 10.10 2.77
N GLU A 130 -11.84 9.98 1.62
CA GLU A 130 -13.24 10.38 1.44
C GLU A 130 -13.93 9.26 0.69
N TYR A 131 -15.21 9.05 0.97
CA TYR A 131 -15.95 8.01 0.25
C TYR A 131 -15.84 8.25 -1.25
N VAL A 132 -15.39 7.25 -1.97
CA VAL A 132 -15.08 7.40 -3.38
C VAL A 132 -16.33 7.14 -4.20
N LYS A 133 -16.67 8.09 -5.07
CA LYS A 133 -17.77 7.90 -6.00
C LYS A 133 -17.30 7.03 -7.16
N LEU A 134 -18.05 5.98 -7.47
CA LEU A 134 -17.77 5.12 -8.60
C LEU A 134 -18.65 5.54 -9.76
N THR A 135 -18.03 5.85 -10.90
CA THR A 135 -18.76 6.32 -12.07
C THR A 135 -19.31 5.13 -12.85
N THR A 136 -20.61 5.17 -13.17
CA THR A 136 -21.25 4.08 -13.91
C THR A 136 -20.75 4.03 -15.35
N ARG A 144 -27.89 -9.42 -18.04
CA ARG A 144 -29.00 -8.89 -17.26
C ARG A 144 -28.57 -7.75 -16.35
N LYS A 145 -29.53 -7.03 -15.79
CA LYS A 145 -29.23 -5.84 -15.02
C LYS A 145 -28.74 -6.20 -13.61
N ILE A 146 -27.77 -5.44 -13.14
CA ILE A 146 -27.40 -5.40 -11.73
C ILE A 146 -27.54 -3.95 -11.29
N LYS A 147 -27.56 -3.73 -9.99
CA LYS A 147 -27.29 -2.38 -9.53
C LYS A 147 -25.79 -2.25 -9.35
N VAL A 148 -25.27 -1.12 -9.81
CA VAL A 148 -23.85 -0.82 -9.68
C VAL A 148 -23.73 0.16 -8.51
N PRO A 149 -23.03 -0.21 -7.45
CA PRO A 149 -22.82 0.73 -6.34
C PRO A 149 -22.27 2.06 -6.85
N GLU A 150 -22.74 3.15 -6.26
CA GLU A 150 -22.30 4.49 -6.61
C GLU A 150 -21.17 4.99 -5.72
N VAL A 151 -20.94 4.34 -4.57
CA VAL A 151 -19.92 4.71 -3.62
C VAL A 151 -19.18 3.46 -3.16
N LEU A 152 -17.88 3.58 -2.95
CA LEU A 152 -17.14 2.49 -2.33
C LEU A 152 -17.31 2.65 -0.82
N ASP A 153 -18.24 1.92 -0.24
CA ASP A 153 -18.52 2.00 1.18
C ASP A 153 -17.99 0.75 1.89
N GLU A 154 -18.40 0.57 3.15
CA GLU A 154 -17.84 -0.53 3.92
C GLU A 154 -18.32 -1.89 3.42
N ASP A 155 -19.57 -1.97 2.96
CA ASP A 155 -20.09 -3.24 2.44
C ASP A 155 -19.30 -3.69 1.22
N LEU A 156 -19.03 -2.76 0.30
CA LEU A 156 -18.31 -3.13 -0.91
C LEU A 156 -16.83 -3.43 -0.58
N ALA A 157 -16.26 -2.69 0.38
CA ALA A 157 -14.87 -2.96 0.75
C ALA A 157 -14.75 -4.34 1.39
N GLU A 158 -15.74 -4.73 2.20
CA GLU A 158 -15.74 -6.06 2.79
C GLU A 158 -15.81 -7.13 1.70
N PHE A 159 -16.69 -6.94 0.71
CA PHE A 159 -16.80 -7.91 -0.37
C PHE A 159 -15.50 -7.97 -1.16
N LEU A 160 -14.88 -6.81 -1.42
CA LEU A 160 -13.59 -6.76 -2.12
C LEU A 160 -12.51 -7.53 -1.37
N GLY A 161 -12.56 -7.49 -0.03
CA GLY A 161 -11.59 -8.23 0.75
C GLY A 161 -11.69 -9.73 0.52
N TYR A 162 -12.93 -10.26 0.54
CA TYR A 162 -13.14 -11.68 0.23
C TYR A 162 -12.66 -11.99 -1.18
N LEU A 163 -13.01 -11.11 -2.12
CA LEU A 163 -12.69 -11.40 -3.52
C LEU A 163 -11.19 -11.36 -3.76
N ILE A 164 -10.50 -10.33 -3.24
CA ILE A 164 -9.07 -10.27 -3.47
C ILE A 164 -8.34 -11.40 -2.74
N ALA A 165 -8.77 -11.73 -1.51
CA ALA A 165 -8.08 -12.77 -0.76
C ALA A 165 -8.34 -14.15 -1.35
N ASP A 166 -9.61 -14.49 -1.60
CA ASP A 166 -9.98 -15.87 -1.87
C ASP A 166 -10.78 -16.06 -3.15
N GLY A 167 -10.82 -15.05 -4.03
CA GLY A 167 -11.73 -15.05 -5.15
C GLY A 167 -11.01 -15.06 -6.48
N THR A 168 -11.78 -15.31 -7.54
CA THR A 168 -11.28 -15.22 -8.91
C THR A 168 -12.33 -14.54 -9.78
N LEU A 169 -11.85 -13.99 -10.90
CA LEU A 169 -12.70 -13.48 -11.96
C LEU A 169 -12.46 -14.33 -13.19
N LYS A 170 -13.55 -14.82 -13.77
CA LYS A 170 -13.63 -15.41 -15.10
C LYS A 170 -14.65 -14.62 -15.91
N PRO A 171 -14.65 -14.75 -17.24
CA PRO A 171 -15.51 -13.87 -18.05
C PRO A 171 -16.97 -13.83 -17.60
N ARG A 172 -17.51 -14.95 -17.14
CA ARG A 172 -18.93 -15.01 -16.80
C ARG A 172 -19.22 -15.16 -15.32
N THR A 173 -18.19 -15.28 -14.47
CA THR A 173 -18.42 -15.71 -13.09
C THR A 173 -17.50 -15.00 -12.13
N VAL A 174 -18.06 -14.51 -11.03
CA VAL A 174 -17.30 -14.07 -9.87
C VAL A 174 -17.36 -15.21 -8.86
N ALA A 175 -16.21 -15.69 -8.42
CA ALA A 175 -16.14 -16.84 -7.52
C ALA A 175 -15.37 -16.48 -6.26
N ILE A 176 -15.80 -17.04 -5.13
CA ILE A 176 -15.09 -16.96 -3.85
C ILE A 176 -14.88 -18.38 -3.37
N TYR A 177 -13.63 -18.76 -3.07
CA TYR A 177 -13.31 -20.11 -2.63
C TYR A 177 -12.91 -20.08 -1.16
N ASN A 178 -13.68 -20.78 -0.33
CA ASN A 178 -13.45 -20.78 1.12
C ASN A 178 -14.34 -21.83 1.76
N ASN A 179 -13.76 -22.66 2.63
CA ASN A 179 -14.50 -23.76 3.22
C ASN A 179 -15.47 -23.33 4.31
N ASP A 180 -15.44 -22.06 4.73
CA ASP A 180 -16.36 -21.56 5.75
C ASP A 180 -17.65 -21.12 5.07
N GLU A 181 -18.70 -21.93 5.22
CA GLU A 181 -19.97 -21.60 4.57
C GLU A 181 -20.56 -20.31 5.12
N SER A 182 -20.36 -20.01 6.41
CA SER A 182 -20.85 -18.74 6.93
C SER A 182 -20.18 -17.57 6.24
N LEU A 183 -18.90 -17.70 5.88
CA LEU A 183 -18.25 -16.64 5.11
C LEU A 183 -18.87 -16.53 3.72
N LEU A 184 -19.10 -17.67 3.05
CA LEU A 184 -19.71 -17.64 1.73
C LEU A 184 -21.12 -17.05 1.79
N LYS A 185 -21.86 -17.36 2.87
CA LYS A 185 -23.21 -16.82 3.00
C LYS A 185 -23.18 -15.32 3.25
N ARG A 186 -22.15 -14.84 3.97
CA ARG A 186 -22.02 -13.40 4.17
C ARG A 186 -21.67 -12.70 2.86
N ALA A 187 -20.78 -13.29 2.07
CA ALA A 187 -20.47 -12.71 0.76
C ALA A 187 -21.71 -12.70 -0.13
N ASN A 188 -22.50 -13.77 -0.09
CA ASN A 188 -23.73 -13.81 -0.88
C ASN A 188 -24.73 -12.75 -0.44
N PHE A 189 -24.88 -12.56 0.87
CA PHE A 189 -25.74 -11.49 1.38
C PHE A 189 -25.26 -10.12 0.88
N LEU A 190 -23.95 -9.88 0.91
CA LEU A 190 -23.39 -8.63 0.41
C LEU A 190 -23.65 -8.48 -1.09
N SER A 191 -23.52 -9.57 -1.86
CA SER A 191 -23.83 -9.49 -3.28
C SER A 191 -25.27 -9.02 -3.50
N THR A 192 -26.22 -9.56 -2.74
CA THR A 192 -27.61 -9.17 -2.92
C THR A 192 -27.83 -7.71 -2.53
N LYS A 193 -27.26 -7.29 -1.40
CA LYS A 193 -27.42 -5.90 -0.96
C LYS A 193 -26.79 -4.92 -1.95
N LEU A 194 -25.57 -5.21 -2.42
CA LEU A 194 -24.80 -4.31 -3.28
C LEU A 194 -25.26 -4.36 -4.74
N PHE A 195 -25.45 -5.56 -5.29
CA PHE A 195 -25.66 -5.71 -6.72
C PHE A 195 -27.06 -6.19 -7.08
N GLY A 196 -27.87 -6.56 -6.10
CA GLY A 196 -29.22 -7.00 -6.39
C GLY A 196 -29.31 -8.40 -6.95
N ILE A 197 -28.20 -9.13 -7.01
CA ILE A 197 -28.19 -10.49 -7.51
C ILE A 197 -27.39 -11.33 -6.52
N ASN A 198 -27.65 -12.62 -6.53
CA ASN A 198 -26.94 -13.53 -5.63
C ASN A 198 -26.40 -14.71 -6.42
N GLY A 199 -25.59 -15.51 -5.73
CA GLY A 199 -24.99 -16.67 -6.35
C GLY A 199 -25.39 -17.96 -5.67
N LYS A 200 -24.68 -19.05 -5.95
CA LYS A 200 -24.99 -20.34 -5.36
C LYS A 200 -23.74 -20.91 -4.72
N ILE A 201 -23.91 -21.53 -3.55
CA ILE A 201 -22.78 -22.17 -2.88
C ILE A 201 -22.64 -23.59 -3.40
N VAL A 202 -21.44 -23.93 -3.86
CA VAL A 202 -21.19 -25.19 -4.55
C VAL A 202 -20.02 -25.89 -3.86
N GLN A 203 -20.10 -27.22 -3.79
CA GLN A 203 -19.00 -28.04 -3.32
C GLN A 203 -18.15 -28.44 -4.53
N GLU A 204 -16.94 -27.90 -4.61
CA GLU A 204 -16.00 -28.29 -5.65
C GLU A 204 -15.01 -29.31 -5.09
N ARG A 205 -14.22 -29.90 -5.99
CA ARG A 205 -13.39 -31.04 -5.65
C ARG A 205 -12.42 -30.73 -4.50
N THR A 206 -12.05 -29.46 -4.33
CA THR A 206 -11.03 -29.08 -3.38
C THR A 206 -11.51 -28.16 -2.27
N VAL A 207 -12.64 -27.47 -2.46
CA VAL A 207 -13.05 -26.40 -1.55
C VAL A 207 -14.49 -26.06 -1.89
N LYS A 208 -15.20 -25.45 -0.95
CA LYS A 208 -16.50 -24.89 -1.25
C LYS A 208 -16.30 -23.58 -2.02
N ALA A 209 -17.30 -23.22 -2.81
CA ALA A 209 -17.26 -21.96 -3.53
C ALA A 209 -18.64 -21.33 -3.58
N LEU A 210 -18.64 -20.01 -3.58
CA LEU A 210 -19.82 -19.24 -3.97
C LEU A 210 -19.57 -18.75 -5.39
N LEU A 211 -20.48 -19.09 -6.31
CA LEU A 211 -20.36 -18.75 -7.72
C LEU A 211 -21.48 -17.78 -8.08
N ILE A 212 -21.13 -16.61 -8.60
CA ILE A 212 -22.10 -15.62 -9.02
C ILE A 212 -21.89 -15.40 -10.51
N HIS A 213 -22.87 -15.77 -11.32
CA HIS A 213 -22.76 -15.74 -12.78
C HIS A 213 -23.36 -14.43 -13.30
N SER A 214 -22.47 -13.50 -13.66
CA SER A 214 -22.88 -12.15 -14.06
C SER A 214 -21.69 -11.48 -14.76
N LYS A 215 -21.73 -11.44 -16.09
CA LYS A 215 -20.71 -10.68 -16.81
C LYS A 215 -20.63 -9.22 -16.38
N PRO A 216 -21.74 -8.48 -16.20
CA PRO A 216 -21.63 -7.10 -15.69
C PRO A 216 -20.93 -6.99 -14.35
N LEU A 217 -21.08 -7.97 -13.48
CA LEU A 217 -20.43 -7.91 -12.19
C LEU A 217 -18.93 -8.12 -12.33
N VAL A 218 -18.54 -9.11 -13.14
CA VAL A 218 -17.13 -9.28 -13.49
C VAL A 218 -16.56 -7.97 -14.04
N ASP A 219 -17.27 -7.36 -15.00
CA ASP A 219 -16.80 -6.11 -15.60
C ASP A 219 -16.64 -5.01 -14.54
N PHE A 220 -17.56 -4.95 -13.59
CA PHE A 220 -17.41 -4.00 -12.48
C PHE A 220 -16.09 -4.19 -11.76
N PHE A 221 -15.76 -5.43 -11.40
CA PHE A 221 -14.54 -5.66 -10.65
C PHE A 221 -13.31 -5.53 -11.52
N ARG A 222 -13.40 -5.89 -12.81
CA ARG A 222 -12.30 -5.61 -13.72
C ARG A 222 -12.00 -4.12 -13.76
N LYS A 223 -13.05 -3.29 -13.83
CA LYS A 223 -12.85 -1.84 -13.88
C LYS A 223 -12.17 -1.34 -12.61
N LEU A 224 -12.39 -2.00 -11.47
CA LEU A 224 -11.69 -1.68 -10.23
C LEU A 224 -10.24 -2.18 -10.20
N GLY A 225 -9.80 -2.88 -11.24
CA GLY A 225 -8.43 -3.33 -11.32
C GLY A 225 -8.16 -4.73 -10.81
N ILE A 226 -9.18 -5.53 -10.56
CA ILE A 226 -8.94 -6.93 -10.17
C ILE A 226 -8.55 -7.72 -11.41
N PRO A 227 -7.39 -8.39 -11.43
CA PRO A 227 -6.98 -9.11 -12.64
C PRO A 227 -7.83 -10.34 -12.92
N GLU A 228 -7.91 -10.71 -14.19
CA GLU A 228 -8.64 -11.89 -14.63
C GLU A 228 -7.75 -13.12 -14.80
N SER A 229 -6.44 -12.93 -14.92
CA SER A 229 -5.50 -14.04 -14.94
C SER A 229 -4.31 -13.70 -14.05
N LYS A 230 -3.67 -14.74 -13.54
CA LYS A 230 -2.49 -14.59 -12.70
C LYS A 230 -2.79 -13.69 -11.51
N LYS A 231 -4.02 -13.77 -11.01
CA LYS A 231 -4.44 -12.87 -9.93
C LYS A 231 -3.62 -13.10 -8.67
N ALA A 232 -3.32 -14.35 -8.34
CA ALA A 232 -2.63 -14.63 -7.08
C ALA A 232 -1.28 -13.91 -7.03
N ARG A 233 -0.56 -13.87 -8.16
CA ARG A 233 0.77 -13.27 -8.19
C ARG A 233 0.78 -11.78 -8.50
N ASN A 234 -0.33 -11.22 -9.03
CA ASN A 234 -0.28 -9.90 -9.66
C ASN A 234 -1.27 -8.88 -9.10
N TRP A 235 -2.16 -9.26 -8.19
CA TRP A 235 -3.16 -8.31 -7.72
C TRP A 235 -2.48 -7.12 -7.00
N LYS A 236 -3.15 -5.98 -7.06
CA LYS A 236 -2.71 -4.72 -6.44
C LYS A 236 -3.88 -4.14 -5.69
N VAL A 237 -3.57 -3.33 -4.69
CA VAL A 237 -4.62 -2.62 -3.96
C VAL A 237 -5.22 -1.57 -4.88
N PRO A 238 -6.53 -1.59 -5.12
CA PRO A 238 -7.14 -0.56 -5.97
C PRO A 238 -6.91 0.85 -5.43
N ARG A 239 -6.61 1.78 -6.34
N ARG A 239 -6.62 1.79 -6.34
CA ARG A 239 -6.41 3.17 -5.94
CA ARG A 239 -6.41 3.17 -5.94
C ARG A 239 -7.62 3.73 -5.22
C ARG A 239 -7.63 3.74 -5.22
N GLU A 240 -8.82 3.21 -5.48
CA GLU A 240 -10.02 3.70 -4.80
C GLU A 240 -10.00 3.35 -3.32
N LEU A 241 -9.45 2.18 -2.97
CA LEU A 241 -9.31 1.85 -1.54
C LEU A 241 -8.29 2.73 -0.86
N LEU A 242 -7.20 3.06 -1.57
CA LEU A 242 -6.17 3.89 -0.95
C LEU A 242 -6.65 5.32 -0.72
N LEU A 243 -7.74 5.71 -1.37
CA LEU A 243 -8.33 7.04 -1.19
C LEU A 243 -9.54 7.02 -0.27
N SER A 244 -9.83 5.90 0.37
CA SER A 244 -11.08 5.72 1.09
C SER A 244 -10.92 6.14 2.56
N PRO A 245 -12.01 6.40 3.27
CA PRO A 245 -11.93 6.67 4.72
C PRO A 245 -11.37 5.47 5.46
N PRO A 246 -10.74 5.68 6.63
CA PRO A 246 -10.27 4.54 7.44
C PRO A 246 -11.32 3.47 7.72
N SER A 247 -12.59 3.84 7.93
CA SER A 247 -13.60 2.81 8.20
C SER A 247 -13.78 1.88 6.98
N VAL A 248 -13.61 2.40 5.77
CA VAL A 248 -13.73 1.55 4.58
C VAL A 248 -12.51 0.66 4.44
N VAL A 249 -11.32 1.23 4.65
CA VAL A 249 -10.08 0.44 4.63
C VAL A 249 -10.14 -0.69 5.66
N LYS A 250 -10.66 -0.39 6.84
CA LYS A 250 -10.73 -1.40 7.89
C LYS A 250 -11.66 -2.55 7.53
N ALA A 251 -12.82 -2.24 6.93
CA ALA A 251 -13.70 -3.30 6.47
C ALA A 251 -12.99 -4.21 5.47
N PHE A 252 -12.23 -3.64 4.54
CA PHE A 252 -11.46 -4.45 3.60
C PHE A 252 -10.42 -5.31 4.31
N ILE A 253 -9.62 -4.70 5.20
CA ILE A 253 -8.53 -5.39 5.89
C ILE A 253 -9.06 -6.54 6.75
N ASN A 254 -10.13 -6.29 7.50
CA ASN A 254 -10.69 -7.35 8.34
C ASN A 254 -11.27 -8.48 7.51
N ALA A 255 -11.84 -8.16 6.35
CA ALA A 255 -12.35 -9.20 5.47
C ALA A 255 -11.21 -10.05 4.90
N TYR A 256 -10.13 -9.41 4.46
CA TYR A 256 -8.93 -10.12 4.04
C TYR A 256 -8.40 -11.04 5.15
N ILE A 257 -8.25 -10.51 6.37
CA ILE A 257 -7.70 -11.30 7.48
C ILE A 257 -8.61 -12.49 7.82
N VAL A 258 -9.93 -12.29 7.82
CA VAL A 258 -10.88 -13.37 8.02
C VAL A 258 -10.66 -14.50 7.02
N CYS A 259 -10.32 -14.15 5.78
CA CYS A 259 -10.06 -15.17 4.76
C CYS A 259 -8.72 -15.87 4.97
N ASP A 260 -7.66 -15.11 5.19
CA ASP A 260 -6.30 -15.61 5.10
C ASP A 260 -5.44 -15.39 6.35
N GLY A 261 -5.94 -14.71 7.37
CA GLY A 261 -5.11 -14.36 8.48
C GLY A 261 -4.83 -15.53 9.40
N TYR A 262 -3.67 -15.49 10.05
CA TYR A 262 -3.35 -16.39 11.15
C TYR A 262 -2.99 -15.56 12.36
N TYR A 263 -3.25 -16.11 13.54
CA TYR A 263 -2.89 -15.44 14.79
C TYR A 263 -1.96 -16.34 15.57
N HIS A 264 -0.79 -15.80 15.93
CA HIS A 264 0.18 -16.50 16.77
C HIS A 264 -0.05 -16.03 18.20
N GLU A 265 -0.59 -16.91 19.04
CA GLU A 265 -1.08 -16.52 20.35
C GLU A 265 0.03 -16.13 21.31
N ARG A 266 1.26 -16.57 21.07
CA ARG A 266 2.38 -16.25 21.95
C ARG A 266 3.20 -15.06 21.44
N LYS A 267 3.45 -14.98 20.13
CA LYS A 267 4.04 -13.76 19.60
C LYS A 267 3.08 -12.59 19.67
N GLY A 268 1.77 -12.86 19.77
CA GLY A 268 0.77 -11.83 19.70
C GLY A 268 0.79 -11.10 18.36
N GLU A 269 0.77 -11.83 17.25
CA GLU A 269 0.77 -11.17 15.95
C GLU A 269 -0.19 -11.85 14.99
N ILE A 270 -0.84 -11.03 14.16
CA ILE A 270 -1.63 -11.48 13.03
C ILE A 270 -0.71 -11.51 11.83
N GLU A 271 -0.80 -12.59 11.07
CA GLU A 271 0.05 -12.83 9.92
C GLU A 271 -0.83 -13.09 8.71
N ILE A 272 -0.53 -12.45 7.58
CA ILE A 272 -1.09 -12.87 6.30
C ILE A 272 0.05 -13.10 5.33
N THR A 273 -0.11 -14.11 4.50
CA THR A 273 0.86 -14.46 3.47
C THR A 273 0.14 -14.39 2.13
N THR A 274 0.70 -13.63 1.20
CA THR A 274 0.15 -13.49 -0.15
C THR A 274 1.23 -13.86 -1.16
N ALA A 275 0.79 -14.28 -2.35
CA ALA A 275 1.69 -14.54 -3.47
C ALA A 275 1.98 -13.29 -4.30
N SER A 276 1.34 -12.17 -3.98
CA SER A 276 1.50 -10.91 -4.72
C SER A 276 2.41 -9.95 -3.96
N GLU A 277 3.60 -9.69 -4.52
CA GLU A 277 4.52 -8.78 -3.81
C GLU A 277 3.97 -7.36 -3.78
N GLU A 278 3.43 -6.87 -4.89
CA GLU A 278 2.89 -5.51 -4.85
C GLU A 278 1.59 -5.44 -4.05
N GLY A 279 0.82 -6.54 -4.02
CA GLY A 279 -0.33 -6.61 -3.13
C GLY A 279 0.06 -6.44 -1.67
N ALA A 280 1.13 -7.15 -1.25
CA ALA A 280 1.61 -7.05 0.11
C ALA A 280 2.03 -5.62 0.43
N TYR A 281 2.77 -4.98 -0.48
CA TYR A 281 3.19 -3.60 -0.22
C TYR A 281 1.98 -2.67 -0.09
N GLY A 282 0.96 -2.87 -0.95
CA GLY A 282 -0.26 -2.07 -0.84
C GLY A 282 -0.99 -2.26 0.47
N LEU A 283 -1.04 -3.49 0.97
CA LEU A 283 -1.61 -3.73 2.29
C LEU A 283 -0.91 -2.91 3.37
N SER A 284 0.43 -2.74 3.29
CA SER A 284 1.12 -1.94 4.29
C SER A 284 0.73 -0.47 4.25
N TYR A 285 0.43 0.05 3.06
CA TYR A 285 -0.09 1.41 2.97
C TYR A 285 -1.51 1.49 3.52
N LEU A 286 -2.37 0.50 3.21
CA LEU A 286 -3.70 0.48 3.79
C LEU A 286 -3.62 0.43 5.31
N LEU A 287 -2.73 -0.40 5.85
CA LEU A 287 -2.59 -0.46 7.31
C LEU A 287 -2.15 0.87 7.90
N ALA A 288 -1.24 1.58 7.23
CA ALA A 288 -0.84 2.90 7.69
C ALA A 288 -1.99 3.91 7.66
N LYS A 289 -2.94 3.76 6.73
CA LYS A 289 -4.12 4.61 6.80
C LYS A 289 -4.90 4.37 8.10
N LEU A 290 -4.78 3.17 8.67
CA LEU A 290 -5.38 2.87 9.98
C LEU A 290 -4.47 3.21 11.15
N GLY A 291 -3.24 3.71 10.90
CA GLY A 291 -2.31 3.96 11.98
C GLY A 291 -1.66 2.70 12.51
N ILE A 292 -1.63 1.63 11.72
CA ILE A 292 -1.03 0.35 12.09
C ILE A 292 0.32 0.23 11.39
N TYR A 293 1.37 -0.07 12.15
CA TYR A 293 2.68 -0.28 11.53
C TYR A 293 2.89 -1.77 11.38
N ALA A 294 3.18 -2.20 10.16
CA ALA A 294 3.30 -3.62 9.83
C ALA A 294 4.76 -3.98 9.62
N THR A 295 5.05 -5.28 9.59
CA THR A 295 6.35 -5.77 9.17
C THR A 295 6.16 -6.61 7.92
N PHE A 296 7.22 -6.70 7.12
CA PHE A 296 7.20 -7.41 5.85
C PHE A 296 8.39 -8.35 5.78
N ARG A 297 8.17 -9.57 5.28
CA ARG A 297 9.24 -10.54 5.05
C ARG A 297 8.93 -11.34 3.81
N LYS A 298 9.95 -11.61 3.01
CA LYS A 298 9.82 -12.61 1.94
C LYS A 298 10.08 -13.97 2.56
N LYS A 299 9.30 -14.97 2.16
CA LYS A 299 9.50 -16.32 2.67
C LYS A 299 9.51 -17.31 1.51
N GLN A 300 10.46 -18.24 1.53
CA GLN A 300 10.45 -19.33 0.56
C GLN A 300 9.67 -20.48 1.20
N ILE A 301 8.52 -20.80 0.62
CA ILE A 301 7.67 -21.88 1.12
C ILE A 301 7.38 -22.84 -0.02
N LYS A 302 7.71 -24.11 0.17
CA LYS A 302 7.49 -25.15 -0.83
C LYS A 302 8.07 -24.76 -2.19
N GLY A 303 9.31 -24.26 -2.18
CA GLY A 303 9.99 -23.94 -3.40
C GLY A 303 9.52 -22.70 -4.13
N LYS A 304 8.68 -21.87 -3.51
CA LYS A 304 8.19 -20.66 -4.13
C LYS A 304 8.33 -19.49 -3.17
N GLU A 305 8.37 -18.28 -3.70
CA GLU A 305 8.50 -17.09 -2.87
C GLU A 305 7.15 -16.50 -2.52
N TYR A 306 6.91 -16.27 -1.23
CA TYR A 306 5.72 -15.57 -0.78
C TYR A 306 6.11 -14.35 0.05
N TYR A 307 5.09 -13.56 0.37
CA TYR A 307 5.24 -12.23 0.92
C TYR A 307 4.36 -12.15 2.15
N ARG A 308 4.98 -11.93 3.30
CA ARG A 308 4.31 -12.06 4.59
C ARG A 308 4.17 -10.69 5.24
N ILE A 309 2.94 -10.30 5.58
CA ILE A 309 2.66 -9.08 6.32
C ILE A 309 2.23 -9.47 7.72
N ALA A 310 2.86 -8.87 8.74
CA ALA A 310 2.56 -9.22 10.11
C ALA A 310 2.22 -7.95 10.89
N ILE A 311 1.31 -8.10 11.85
CA ILE A 311 0.81 -7.02 12.68
C ILE A 311 0.97 -7.48 14.12
N SER A 312 1.85 -6.81 14.90
CA SER A 312 2.21 -7.22 16.25
C SER A 312 1.93 -6.12 17.26
N GLY A 313 1.66 -6.54 18.49
CA GLY A 313 1.53 -5.62 19.62
C GLY A 313 0.11 -5.16 19.82
N LYS A 314 -0.23 -4.92 21.08
CA LYS A 314 -1.62 -4.61 21.43
C LYS A 314 -2.08 -3.30 20.79
N THR A 315 -1.18 -2.32 20.68
CA THR A 315 -1.54 -1.03 20.08
C THR A 315 -1.95 -1.21 18.63
N ASN A 316 -1.18 -1.98 17.86
CA ASN A 316 -1.55 -2.27 16.48
C ASN A 316 -2.85 -3.06 16.42
N LEU A 317 -2.90 -4.17 17.16
CA LEU A 317 -4.00 -5.13 16.99
C LEU A 317 -5.33 -4.53 17.43
N GLU A 318 -5.34 -3.75 18.51
CA GLU A 318 -6.61 -3.20 18.96
C GLU A 318 -7.24 -2.29 17.93
N LYS A 319 -6.47 -1.72 17.00
CA LYS A 319 -7.07 -0.88 15.97
C LYS A 319 -7.90 -1.69 14.98
N LEU A 320 -7.68 -3.00 14.90
CA LEU A 320 -8.48 -3.83 14.01
C LEU A 320 -9.81 -4.22 14.64
N GLY A 321 -9.92 -4.13 15.97
CA GLY A 321 -11.11 -4.62 16.64
C GLY A 321 -12.35 -3.86 16.22
N ILE A 322 -13.48 -4.56 16.23
CA ILE A 322 -14.77 -3.93 15.94
C ILE A 322 -15.31 -3.23 17.17
N LYS A 323 -14.99 -3.75 18.35
CA LYS A 323 -15.28 -3.11 19.63
C LYS A 323 -13.95 -2.60 20.19
N ARG A 324 -13.88 -1.30 20.48
CA ARG A 324 -12.63 -0.70 20.94
C ARG A 324 -12.89 0.18 22.15
N GLU A 325 -11.91 0.22 23.07
CA GLU A 325 -11.94 1.21 24.14
C GLU A 325 -12.05 2.60 23.54
N THR A 326 -12.87 3.45 24.16
CA THR A 326 -13.22 4.71 23.54
C THR A 326 -12.05 5.68 23.44
N ARG A 327 -11.03 5.52 24.28
CA ARG A 327 -9.89 6.43 24.16
C ARG A 327 -9.08 6.16 22.91
N GLY A 328 -9.17 4.93 22.38
CA GLY A 328 -8.44 4.57 21.17
C GLY A 328 -8.73 5.53 20.04
N TYR A 329 -9.89 6.17 20.12
CA TYR A 329 -10.32 7.19 19.17
C TYR A 329 -9.82 8.58 19.54
N THR A 330 -9.84 8.93 20.83
CA THR A 330 -9.41 10.27 21.23
C THR A 330 -7.89 10.38 21.22
N ASN A 331 -7.19 9.33 21.64
CA ASN A 331 -5.74 9.29 21.57
C ASN A 331 -5.29 9.46 20.13
N ILE A 332 -4.79 10.63 19.79
CA ILE A 332 -4.39 10.90 18.42
C ILE A 332 -2.98 10.35 18.20
N ASP A 333 -2.79 9.69 17.08
CA ASP A 333 -1.59 8.91 16.85
C ASP A 333 -0.35 9.80 16.85
N ILE A 334 0.79 9.22 17.17
CA ILE A 334 2.05 9.74 16.67
C ILE A 334 2.26 9.15 15.28
N VAL A 335 2.81 9.96 14.38
CA VAL A 335 2.62 9.74 12.95
C VAL A 335 3.89 9.14 12.33
N ILE A 336 5.04 9.43 12.96
CA ILE A 336 6.35 9.01 12.47
C ILE A 336 6.96 8.11 13.53
N LEU A 337 7.58 7.02 13.09
CA LEU A 337 8.36 6.12 13.91
C LEU A 337 9.77 6.04 13.37
N PHE A 338 10.71 5.50 14.15
CA PHE A 338 12.09 5.40 13.68
C PHE A 338 12.51 3.94 13.64
N ASP A 339 12.82 3.46 12.43
CA ASP A 339 12.96 2.05 12.06
C ASP A 339 14.44 1.69 11.91
N GLU A 340 14.91 0.73 12.70
CA GLU A 340 16.34 0.38 12.72
C GLU A 340 16.82 -0.21 11.39
N VAL A 341 17.93 0.32 10.88
CA VAL A 341 18.58 -0.18 9.67
C VAL A 341 19.33 -1.46 10.02
N VAL A 342 19.12 -2.50 9.22
CA VAL A 342 19.82 -3.77 9.45
C VAL A 342 20.86 -4.05 8.37
N GLU A 343 20.76 -3.45 7.20
CA GLU A 343 21.71 -3.75 6.14
C GLU A 343 21.86 -2.52 5.27
N VAL A 344 23.08 -2.22 4.90
CA VAL A 344 23.36 -1.16 3.95
C VAL A 344 24.22 -1.73 2.84
N LYS A 345 23.84 -1.46 1.59
CA LYS A 345 24.56 -1.99 0.45
C LYS A 345 24.99 -0.85 -0.45
N TYR A 346 26.28 -0.83 -0.80
CA TYR A 346 26.86 0.19 -1.66
C TYR A 346 26.95 -0.39 -3.07
N ILE A 347 26.31 0.29 -4.02
CA ILE A 347 26.13 -0.19 -5.39
C ILE A 347 26.81 0.78 -6.34
N PRO A 348 27.99 0.43 -6.87
CA PRO A 348 28.71 1.36 -7.75
C PRO A 348 28.13 1.51 -9.17
N GLU A 349 27.20 0.65 -9.59
CA GLU A 349 26.78 0.67 -11.00
C GLU A 349 25.89 1.87 -11.30
N PRO A 350 26.18 2.63 -12.35
CA PRO A 350 25.36 3.81 -12.67
C PRO A 350 24.00 3.41 -13.22
N GLN A 351 23.02 4.31 -13.05
CA GLN A 351 21.64 4.00 -13.42
C GLN A 351 20.83 5.29 -13.46
N GLU A 352 19.68 5.21 -14.13
CA GLU A 352 18.71 6.29 -14.08
C GLU A 352 18.07 6.38 -12.69
N VAL A 353 17.81 7.60 -12.26
CA VAL A 353 17.15 7.88 -10.98
C VAL A 353 16.04 8.91 -11.21
N TYR A 354 15.15 9.02 -10.23
CA TYR A 354 13.92 9.80 -10.39
C TYR A 354 13.66 10.61 -9.13
N ASP A 355 13.00 11.75 -9.31
CA ASP A 355 12.61 12.55 -8.16
C ASP A 355 11.31 13.26 -8.49
N ILE A 356 10.58 13.64 -7.44
CA ILE A 356 9.42 14.50 -7.57
C ILE A 356 9.60 15.67 -6.63
N THR A 357 9.30 16.87 -7.12
CA THR A 357 9.40 18.07 -6.32
C THR A 357 8.07 18.34 -5.65
N THR A 358 8.07 18.49 -4.33
CA THR A 358 6.85 18.80 -3.61
C THR A 358 7.00 20.08 -2.81
N GLU A 359 5.84 20.61 -2.39
CA GLU A 359 5.81 21.86 -1.63
C GLU A 359 6.40 21.72 -0.23
N THR A 360 6.45 20.50 0.32
CA THR A 360 7.06 20.26 1.62
C THR A 360 8.52 19.82 1.52
N HIS A 361 9.01 19.50 0.32
CA HIS A 361 10.31 18.91 0.04
C HIS A 361 10.45 17.50 0.58
N ASN A 362 9.34 16.86 0.95
CA ASN A 362 9.36 15.44 1.30
C ASN A 362 8.17 14.76 0.65
N PHE A 363 8.20 13.43 0.63
CA PHE A 363 7.07 12.65 0.12
C PHE A 363 7.16 11.26 0.70
N VAL A 364 6.05 10.55 0.62
CA VAL A 364 5.94 9.20 1.17
C VAL A 364 6.11 8.19 0.06
N GLY A 365 7.05 7.27 0.25
CA GLY A 365 7.31 6.21 -0.70
C GLY A 365 8.05 5.04 -0.07
N GLY A 366 8.48 4.12 -0.92
CA GLY A 366 9.08 2.87 -0.48
C GLY A 366 8.08 1.72 -0.48
N ASN A 367 8.61 0.50 -0.33
CA ASN A 367 7.75 -0.68 -0.39
C ASN A 367 6.78 -0.71 0.78
N MET A 368 7.17 -0.13 1.91
CA MET A 368 6.25 0.23 2.99
C MET A 368 6.48 1.69 3.30
N PRO A 369 5.49 2.38 3.87
CA PRO A 369 5.50 3.87 3.85
C PRO A 369 6.68 4.48 4.60
N THR A 370 7.52 5.22 3.86
CA THR A 370 8.74 5.81 4.38
C THR A 370 8.81 7.28 4.01
N LEU A 371 9.37 8.10 4.89
CA LEU A 371 9.50 9.52 4.58
C LEU A 371 10.79 9.73 3.78
N LEU A 372 10.63 10.19 2.54
CA LEU A 372 11.73 10.45 1.63
C LEU A 372 11.82 11.96 1.37
N HIS A 373 13.02 12.42 1.02
CA HIS A 373 13.29 13.85 0.89
C HIS A 373 13.63 14.22 -0.55
N ASN A 374 13.21 15.41 -0.97
CA ASN A 374 13.57 15.99 -2.27
C ASN A 374 15.08 16.21 -2.42
#